data_5GJH
#
_entry.id   5GJH
#
_cell.length_a   33.602
_cell.length_b   53.338
_cell.length_c   108.302
_cell.angle_alpha   90.00
_cell.angle_beta   90.00
_cell.angle_gamma   90.00
#
_symmetry.space_group_name_H-M   'P 21 21 21'
#
loop_
_entity.id
_entity.type
_entity.pdbx_description
1 polymer 'GRB2-related adapter protein 2'
2 polymer 'T-cell-specific surface glycoprotein CD28'
3 water water
#
loop_
_entity_poly.entity_id
_entity_poly.type
_entity_poly.pdbx_seq_one_letter_code
_entity_poly.pdbx_strand_id
1 'polypeptide(L)'
;GSWFHEGLSRHQAENLLMGKEVGFFIIRASQSSPGDFSISVRHEDDVQHFKVMRDNKGNYFLWTEKFPSLNKLVDYYRTN
SISRQKQIFLRDRTREDQGH
;
A,C
2 'polypeptide(L)' SD(PTR)MNMTP B,D
#
# COMPACT_ATOMS: atom_id res chain seq x y z
N GLY A 1 -18.41 17.49 3.58
CA GLY A 1 -17.06 17.74 4.06
C GLY A 1 -15.96 17.21 3.14
N SER A 2 -14.70 17.34 3.56
CA SER A 2 -13.57 16.85 2.79
C SER A 2 -12.46 16.53 3.77
N TRP A 3 -11.60 15.56 3.48
CA TRP A 3 -10.31 15.26 4.12
CA TRP A 3 -10.63 15.68 4.52
C TRP A 3 -9.43 16.47 4.08
N PHE A 4 -9.56 17.19 2.96
CA PHE A 4 -8.54 18.18 2.56
CA PHE A 4 -8.59 18.09 2.45
C PHE A 4 -8.96 19.53 2.92
N HIS A 5 -8.15 20.12 3.79
CA HIS A 5 -8.34 21.49 4.26
C HIS A 5 -6.97 22.15 4.15
N GLU A 6 -6.61 22.55 2.93
CA GLU A 6 -5.23 22.95 2.67
C GLU A 6 -4.76 24.10 3.54
N GLY A 7 -5.65 25.07 3.79
CA GLY A 7 -5.28 26.28 4.49
C GLY A 7 -5.37 26.20 6.01
N LEU A 8 -5.75 25.05 6.55
CA LEU A 8 -5.78 24.92 7.99
C LEU A 8 -4.37 24.89 8.59
N SER A 9 -4.11 25.65 9.65
CA SER A 9 -2.84 25.59 10.32
C SER A 9 -2.70 24.29 11.13
N ARG A 10 -1.49 24.00 11.55
CA ARG A 10 -1.22 22.83 12.39
C ARG A 10 -2.08 22.91 13.68
N HIS A 11 -2.07 24.05 14.37
CA HIS A 11 -2.82 24.19 15.59
C HIS A 11 -4.33 24.11 15.34
N GLN A 12 -4.81 24.69 14.25
CA GLN A 12 -6.22 24.63 13.91
C GLN A 12 -6.65 23.19 13.64
N ALA A 13 -5.78 22.41 12.98
CA ALA A 13 -6.07 21.00 12.75
C ALA A 13 -6.17 20.24 14.08
N GLU A 14 -5.26 20.54 15.01
CA GLU A 14 -5.34 19.93 16.33
C GLU A 14 -6.69 20.24 16.98
N ASN A 15 -7.09 21.52 16.99
CA ASN A 15 -8.37 21.87 17.61
C ASN A 15 -9.52 21.13 16.99
N LEU A 16 -9.58 21.09 15.67
CA LEU A 16 -10.68 20.43 14.98
C LEU A 16 -10.71 18.93 15.32
N LEU A 17 -9.56 18.29 15.26
CA LEU A 17 -9.50 16.86 15.46
C LEU A 17 -9.68 16.44 16.92
N MET A 18 -9.41 17.34 17.87
CA MET A 18 -9.70 16.95 19.25
C MET A 18 -11.18 16.66 19.44
N GLY A 19 -12.04 17.28 18.65
CA GLY A 19 -13.46 17.02 18.71
C GLY A 19 -13.95 15.81 17.94
N LYS A 20 -13.05 15.03 17.37
CA LYS A 20 -13.39 13.86 16.54
C LYS A 20 -12.89 12.60 17.18
N GLU A 21 -13.37 11.47 16.65
CA GLU A 21 -12.98 10.14 17.12
C GLU A 21 -11.55 9.78 16.69
N VAL A 22 -10.96 8.81 17.41
CA VAL A 22 -9.65 8.24 17.04
C VAL A 22 -9.64 7.80 15.59
N GLY A 23 -8.57 8.17 14.89
CA GLY A 23 -8.39 7.83 13.49
C GLY A 23 -8.89 8.87 12.53
N PHE A 24 -9.75 9.80 12.98
CA PHE A 24 -10.16 10.89 12.09
C PHE A 24 -8.95 11.77 11.76
N PHE A 25 -9.00 12.43 10.61
CA PHE A 25 -7.79 13.05 10.11
C PHE A 25 -8.14 14.21 9.19
N ILE A 26 -7.14 15.07 8.97
CA ILE A 26 -7.24 16.08 7.92
CA ILE A 26 -7.19 16.19 8.02
C ILE A 26 -5.91 16.16 7.22
N ILE A 27 -5.99 16.46 5.92
CA ILE A 27 -4.81 16.69 5.11
C ILE A 27 -4.73 18.19 4.86
N ARG A 28 -3.59 18.79 5.19
CA ARG A 28 -3.42 20.24 5.08
C ARG A 28 -2.11 20.50 4.38
N ALA A 29 -1.92 21.71 3.90
CA ALA A 29 -0.61 22.06 3.35
C ALA A 29 0.34 22.21 4.49
N SER A 30 1.54 21.68 4.33
CA SER A 30 2.54 21.78 5.35
C SER A 30 2.97 23.23 5.50
N GLN A 31 3.19 23.65 6.73
CA GLN A 31 3.76 24.96 7.00
C GLN A 31 5.29 24.91 6.86
N SER A 32 5.90 23.78 7.22
CA SER A 32 7.37 23.61 7.20
C SER A 32 7.94 23.31 5.82
N SER A 33 7.17 22.59 5.01
CA SER A 33 7.60 22.18 3.67
C SER A 33 6.51 22.60 2.70
N PRO A 34 6.48 23.89 2.33
CA PRO A 34 5.27 24.45 1.70
C PRO A 34 4.63 23.72 0.49
N GLY A 35 5.39 22.98 -0.27
CA GLY A 35 4.83 22.40 -1.48
C GLY A 35 4.28 21.01 -1.21
N ASP A 36 4.39 20.61 0.04
CA ASP A 36 3.97 19.28 0.45
C ASP A 36 2.79 19.35 1.40
N PHE A 37 2.20 18.19 1.64
CA PHE A 37 1.09 18.06 2.56
C PHE A 37 1.53 17.50 3.93
N SER A 38 0.70 17.75 4.94
CA SER A 38 0.82 17.09 6.25
CA SER A 38 0.82 17.08 6.23
C SER A 38 -0.51 16.43 6.54
N ILE A 39 -0.47 15.27 7.19
CA ILE A 39 -1.68 14.58 7.63
CA ILE A 39 -1.70 14.63 7.62
C ILE A 39 -1.72 14.62 9.15
N SER A 40 -2.78 15.23 9.68
CA SER A 40 -2.98 15.31 11.13
C SER A 40 -4.02 14.25 11.51
N VAL A 41 -3.75 13.53 12.59
CA VAL A 41 -4.57 12.34 12.91
C VAL A 41 -4.89 12.32 14.39
N ARG A 42 -6.17 12.16 14.71
CA ARG A 42 -6.58 12.01 16.12
C ARG A 42 -6.10 10.68 16.69
N HIS A 43 -5.28 10.76 17.72
CA HIS A 43 -4.86 9.63 18.55
C HIS A 43 -5.72 9.64 19.83
N GLU A 44 -5.47 8.70 20.74
CA GLU A 44 -6.36 8.55 21.87
C GLU A 44 -6.42 9.78 22.76
N ASP A 45 -5.27 10.43 22.98
CA ASP A 45 -5.20 11.54 23.91
C ASP A 45 -4.81 12.86 23.29
N ASP A 46 -4.42 12.85 22.01
CA ASP A 46 -3.92 14.05 21.37
C ASP A 46 -3.98 13.87 19.88
N VAL A 47 -3.45 14.84 19.15
CA VAL A 47 -3.40 14.81 17.69
C VAL A 47 -1.95 14.78 17.29
N GLN A 48 -1.57 13.88 16.38
CA GLN A 48 -0.20 13.76 15.90
C GLN A 48 -0.16 14.08 14.44
N HIS A 49 1.04 14.39 13.91
CA HIS A 49 1.17 14.87 12.55
C HIS A 49 2.20 14.07 11.77
N PHE A 50 1.91 13.83 10.50
CA PHE A 50 2.80 13.07 9.61
C PHE A 50 3.10 13.95 8.40
N LYS A 51 4.37 14.02 8.00
CA LYS A 51 4.73 14.74 6.77
C LYS A 51 4.54 13.84 5.56
N VAL A 52 3.86 14.34 4.54
CA VAL A 52 3.72 13.60 3.29
C VAL A 52 4.86 13.95 2.35
N MET A 53 5.81 13.04 2.24
CA MET A 53 6.98 13.27 1.41
C MET A 53 6.78 12.80 -0.01
N ARG A 54 7.65 13.29 -0.88
CA ARG A 54 7.64 12.91 -2.29
C ARG A 54 8.96 12.29 -2.67
N ASP A 55 8.93 11.31 -3.56
CA ASP A 55 10.19 10.81 -4.12
C ASP A 55 10.46 11.43 -5.47
N ASN A 56 11.55 10.99 -6.09
CA ASN A 56 11.99 11.58 -7.36
C ASN A 56 11.13 11.18 -8.58
N LYS A 57 10.11 10.37 -8.35
CA LYS A 57 9.14 9.99 -9.34
C LYS A 57 7.77 10.63 -9.07
N GLY A 58 7.68 11.44 -8.02
CA GLY A 58 6.41 12.06 -7.66
C GLY A 58 5.51 11.13 -6.84
N ASN A 59 5.98 9.97 -6.39
CA ASN A 59 5.14 9.21 -5.44
C ASN A 59 5.03 9.97 -4.12
N TYR A 60 4.01 9.60 -3.36
CA TYR A 60 3.74 10.14 -2.03
C TYR A 60 4.05 9.04 -1.02
N PHE A 61 4.63 9.40 0.13
CA PHE A 61 4.89 8.40 1.16
C PHE A 61 5.03 9.06 2.54
N LEU A 62 4.77 8.26 3.57
CA LEU A 62 5.03 8.65 4.95
C LEU A 62 6.24 7.93 5.54
N TRP A 63 6.38 6.66 5.22
CA TRP A 63 7.37 5.81 5.85
C TRP A 63 8.27 5.23 4.76
N THR A 64 8.01 4.00 4.30
CA THR A 64 8.73 3.48 3.15
C THR A 64 7.78 3.11 2.00
N GLU A 65 6.50 2.97 2.31
CA GLU A 65 5.48 2.53 1.36
C GLU A 65 5.07 3.69 0.42
N LYS A 66 5.15 3.47 -0.90
CA LYS A 66 4.92 4.54 -1.86
C LYS A 66 3.60 4.44 -2.57
N PHE A 67 3.02 5.60 -2.90
CA PHE A 67 1.72 5.65 -3.56
C PHE A 67 1.74 6.67 -4.67
N PRO A 68 1.06 6.38 -5.81
CA PRO A 68 1.03 7.34 -6.91
C PRO A 68 0.06 8.50 -6.68
N SER A 69 -0.76 8.45 -5.63
CA SER A 69 -1.68 9.55 -5.34
C SER A 69 -1.93 9.62 -3.84
N LEU A 70 -2.36 10.78 -3.35
CA LEU A 70 -2.79 10.89 -1.96
C LEU A 70 -3.98 10.00 -1.69
N ASN A 71 -4.89 9.88 -2.65
CA ASN A 71 -6.03 9.02 -2.42
C ASN A 71 -5.65 7.57 -2.10
N LYS A 72 -4.66 7.07 -2.84
CA LYS A 72 -4.23 5.71 -2.60
C LYS A 72 -3.48 5.59 -1.26
N LEU A 73 -2.75 6.62 -0.90
CA LEU A 73 -2.08 6.64 0.40
C LEU A 73 -3.12 6.59 1.53
N VAL A 74 -4.16 7.42 1.45
CA VAL A 74 -5.20 7.40 2.47
C VAL A 74 -5.87 6.06 2.55
N ASP A 75 -6.22 5.49 1.40
CA ASP A 75 -6.96 4.26 1.46
CA ASP A 75 -6.90 4.19 1.38
C ASP A 75 -6.08 3.13 2.08
N TYR A 76 -4.78 3.13 1.82
CA TYR A 76 -3.88 2.13 2.39
C TYR A 76 -3.92 2.18 3.91
N TYR A 77 -3.88 3.42 4.44
CA TYR A 77 -3.83 3.61 5.89
C TYR A 77 -5.19 3.48 6.57
N ARG A 78 -6.23 3.11 5.82
CA ARG A 78 -7.46 2.64 6.46
C ARG A 78 -7.30 1.22 6.99
N THR A 79 -6.39 0.46 6.38
CA THR A 79 -6.19 -0.98 6.67
C THR A 79 -4.90 -1.26 7.41
N ASN A 80 -3.91 -0.40 7.24
CA ASN A 80 -2.60 -0.57 7.83
C ASN A 80 -2.35 0.61 8.77
N SER A 81 -1.70 0.38 9.91
CA SER A 81 -1.49 1.46 10.86
C SER A 81 -0.66 2.59 10.24
N ILE A 82 -1.10 3.83 10.44
CA ILE A 82 -0.34 5.00 10.02
C ILE A 82 0.77 5.30 11.03
N SER A 83 0.58 4.82 12.27
CA SER A 83 1.54 5.05 13.32
C SER A 83 2.45 3.85 13.52
N ARG A 84 3.72 4.12 13.79
CA ARG A 84 4.65 3.06 14.20
C ARG A 84 4.74 2.89 15.71
N GLN A 85 4.07 3.75 16.46
CA GLN A 85 4.18 3.62 17.90
C GLN A 85 2.91 3.03 18.47
N LYS A 86 1.81 3.17 17.76
CA LYS A 86 0.52 2.64 18.18
C LYS A 86 -0.21 2.12 16.94
N GLN A 87 -1.26 1.32 17.13
CA GLN A 87 -2.05 0.93 15.98
C GLN A 87 -3.18 1.92 15.76
N ILE A 88 -3.11 2.70 14.70
CA ILE A 88 -4.08 3.75 14.41
C ILE A 88 -4.39 3.66 12.93
N PHE A 89 -5.67 3.52 12.60
CA PHE A 89 -6.15 3.46 11.23
C PHE A 89 -6.88 4.74 10.88
N LEU A 90 -6.70 5.24 9.67
CA LEU A 90 -7.50 6.38 9.23
C LEU A 90 -8.98 6.04 9.12
N ARG A 91 -9.83 6.95 9.60
CA ARG A 91 -11.26 6.79 9.59
C ARG A 91 -11.89 8.11 9.16
N ASP A 92 -13.04 8.05 8.50
CA ASP A 92 -13.74 9.26 8.09
C ASP A 92 -15.24 9.11 8.19
N ARG A 93 -15.69 8.05 8.88
CA ARG A 93 -17.10 7.97 9.19
C ARG A 93 -17.25 7.39 10.55
N THR A 94 -18.31 7.80 11.22
CA THR A 94 -18.64 7.21 12.51
C THR A 94 -19.10 5.77 12.30
N ARG A 95 -19.15 5.00 13.38
CA ARG A 95 -19.68 3.64 13.30
C ARG A 95 -21.16 3.64 12.93
N GLU A 96 -21.88 4.71 13.31
CA GLU A 96 -23.33 4.84 13.08
C GLU A 96 -23.69 5.32 11.68
N ASP A 97 -22.69 5.86 10.99
CA ASP A 97 -22.86 6.33 9.63
C ASP A 97 -22.76 5.11 8.74
N SER B 1 6.79 21.79 12.65
CA SER B 1 7.34 21.46 13.97
C SER B 1 7.72 19.98 14.07
N ASP B 2 7.06 19.27 14.98
CA ASP B 2 7.35 17.86 15.20
C ASP B 2 6.40 16.96 14.41
N MET B 4 5.70 12.77 13.43
CA MET B 4 5.98 11.44 13.93
C MET B 4 6.92 10.65 13.01
N ASN B 5 6.88 10.96 11.72
CA ASN B 5 7.64 10.23 10.72
C ASN B 5 8.85 10.95 10.23
N MET B 6 9.28 11.97 10.97
CA MET B 6 10.53 12.62 10.66
C MET B 6 11.64 11.70 11.09
N THR B 7 12.47 11.31 10.14
CA THR B 7 13.64 10.51 10.43
C THR B 7 14.80 11.07 9.61
N PRO B 8 16.03 10.73 9.98
CA PRO B 8 17.17 11.16 9.16
C PRO B 8 17.31 10.28 7.92
N SER C 2 -5.65 -11.14 -19.48
CA SER C 2 -5.53 -10.71 -18.09
C SER C 2 -4.40 -11.45 -17.41
N TRP C 3 -3.83 -10.86 -16.36
CA TRP C 3 -2.87 -11.47 -15.43
CA TRP C 3 -2.87 -11.72 -15.71
C TRP C 3 -3.51 -12.55 -14.57
N PHE C 4 -4.83 -12.56 -14.51
CA PHE C 4 -5.54 -13.48 -13.64
C PHE C 4 -5.92 -14.77 -14.37
N HIS C 5 -5.15 -15.83 -14.13
CA HIS C 5 -5.32 -17.12 -14.84
C HIS C 5 -5.48 -18.18 -13.78
N GLU C 6 -6.69 -18.31 -13.27
CA GLU C 6 -6.91 -19.01 -12.04
C GLU C 6 -6.47 -20.48 -12.13
N GLY C 7 -6.73 -21.12 -13.28
CA GLY C 7 -6.47 -22.54 -13.48
C GLY C 7 -5.07 -22.89 -13.97
N LEU C 8 -4.18 -21.93 -14.11
CA LEU C 8 -2.84 -22.27 -14.55
C LEU C 8 -2.05 -23.00 -13.46
N SER C 9 -1.33 -24.08 -13.81
CA SER C 9 -0.43 -24.70 -12.85
C SER C 9 0.83 -23.86 -12.63
N ARG C 10 1.59 -24.21 -11.59
CA ARG C 10 2.88 -23.57 -11.33
C ARG C 10 3.82 -23.69 -12.53
N HIS C 11 3.93 -24.90 -13.10
CA HIS C 11 4.85 -25.10 -14.23
C HIS C 11 4.34 -24.37 -15.49
N GLN C 12 3.02 -24.36 -15.70
CA GLN C 12 2.48 -23.64 -16.85
C GLN C 12 2.73 -22.12 -16.72
N ALA C 13 2.62 -21.60 -15.50
CA ALA C 13 2.93 -20.20 -15.26
C ALA C 13 4.40 -19.90 -15.56
N GLU C 14 5.30 -20.80 -15.16
CA GLU C 14 6.71 -20.65 -15.50
C GLU C 14 6.91 -20.63 -17.01
N ASN C 15 6.29 -21.56 -17.72
CA ASN C 15 6.43 -21.57 -19.18
C ASN C 15 5.98 -20.26 -19.79
N LEU C 16 4.79 -19.82 -19.41
CA LEU C 16 4.22 -18.62 -20.00
C LEU C 16 5.11 -17.41 -19.72
N LEU C 17 5.55 -17.28 -18.50
CA LEU C 17 6.30 -16.09 -18.11
C LEU C 17 7.74 -16.09 -18.60
N MET C 18 8.28 -17.26 -18.92
CA MET C 18 9.62 -17.26 -19.51
C MET C 18 9.62 -16.53 -20.85
N GLY C 19 8.47 -16.49 -21.54
CA GLY C 19 8.30 -15.74 -22.78
C GLY C 19 8.05 -14.25 -22.60
N LYS C 20 8.02 -13.75 -21.38
CA LYS C 20 7.69 -12.37 -21.09
C LYS C 20 8.86 -11.62 -20.46
N GLU C 21 8.69 -10.30 -20.34
CA GLU C 21 9.70 -9.41 -19.78
C GLU C 21 9.72 -9.47 -18.25
N VAL C 22 10.84 -9.02 -17.66
CA VAL C 22 10.97 -8.91 -16.20
C VAL C 22 9.83 -8.08 -15.64
N GLY C 23 9.22 -8.61 -14.58
CA GLY C 23 8.14 -7.95 -13.89
C GLY C 23 6.78 -8.42 -14.34
N PHE C 24 6.68 -9.02 -15.55
CA PHE C 24 5.41 -9.60 -15.94
C PHE C 24 5.05 -10.75 -14.99
N PHE C 25 3.75 -10.98 -14.86
CA PHE C 25 3.27 -11.82 -13.77
C PHE C 25 1.93 -12.43 -14.10
N ILE C 26 1.61 -13.49 -13.35
CA ILE C 26 0.32 -14.18 -13.39
CA ILE C 26 0.24 -13.98 -13.36
C ILE C 26 -0.14 -14.34 -11.93
N ILE C 27 -1.45 -14.26 -11.67
CA ILE C 27 -2.01 -14.75 -10.43
C ILE C 27 -2.82 -15.98 -10.77
N ARG C 28 -2.57 -17.04 -10.02
CA ARG C 28 -3.22 -18.34 -10.24
C ARG C 28 -3.69 -18.86 -8.89
N ALA C 29 -4.68 -19.75 -8.91
CA ALA C 29 -5.03 -20.47 -7.68
C ALA C 29 -3.92 -21.50 -7.43
N SER C 30 -3.38 -21.56 -6.21
CA SER C 30 -2.35 -22.59 -5.92
C SER C 30 -2.88 -24.05 -6.08
N GLN C 31 -2.16 -25.03 -6.70
CA GLN C 31 -2.57 -26.48 -6.75
C GLN C 31 -2.17 -27.17 -5.45
N SER C 32 -1.06 -26.70 -4.87
CA SER C 32 -0.53 -27.30 -3.62
C SER C 32 -1.35 -26.88 -2.39
N SER C 33 -1.80 -25.63 -2.38
CA SER C 33 -2.74 -25.14 -1.37
CA SER C 33 -2.74 -25.14 -1.37
C SER C 33 -3.93 -24.45 -2.04
N PRO C 34 -4.94 -25.24 -2.43
CA PRO C 34 -6.00 -24.69 -3.31
C PRO C 34 -6.85 -23.51 -2.78
N GLY C 35 -6.83 -23.26 -1.49
CA GLY C 35 -7.53 -22.10 -0.95
C GLY C 35 -6.76 -20.80 -1.08
N ASP C 36 -5.58 -20.83 -1.62
CA ASP C 36 -4.85 -19.59 -1.71
C ASP C 36 -4.48 -19.28 -3.14
N PHE C 37 -4.09 -18.04 -3.34
CA PHE C 37 -3.52 -17.64 -4.62
C PHE C 37 -2.01 -17.62 -4.55
N SER C 38 -1.40 -17.79 -5.72
CA SER C 38 0.03 -17.60 -5.91
C SER C 38 0.25 -16.57 -7.00
N ILE C 39 1.28 -15.75 -6.82
CA ILE C 39 1.70 -14.81 -7.85
C ILE C 39 3.03 -15.27 -8.41
N SER C 40 3.08 -15.50 -9.72
CA SER C 40 4.32 -15.90 -10.40
C SER C 40 4.86 -14.70 -11.16
N VAL C 41 6.15 -14.43 -11.00
CA VAL C 41 6.74 -13.17 -11.48
C VAL C 41 8.03 -13.46 -12.22
N ARG C 42 8.12 -12.96 -13.46
CA ARG C 42 9.33 -13.10 -14.26
C ARG C 42 10.45 -12.26 -13.65
N HIS C 43 11.53 -12.94 -13.31
CA HIS C 43 12.81 -12.36 -12.96
C HIS C 43 13.76 -12.40 -14.15
N GLU C 44 14.99 -11.90 -13.99
CA GLU C 44 15.84 -11.79 -15.17
C GLU C 44 16.18 -13.15 -15.75
N ASP C 45 16.31 -14.17 -14.90
CA ASP C 45 16.81 -15.47 -15.34
C ASP C 45 15.83 -16.62 -15.10
N ASP C 46 14.73 -16.35 -14.39
CA ASP C 46 13.80 -17.41 -14.03
C ASP C 46 12.48 -16.78 -13.60
N VAL C 47 11.58 -17.62 -13.09
CA VAL C 47 10.29 -17.18 -12.60
C VAL C 47 10.26 -17.53 -11.13
N GLN C 48 9.88 -16.56 -10.29
CA GLN C 48 9.74 -16.78 -8.85
C GLN C 48 8.27 -16.72 -8.46
N HIS C 49 7.93 -17.32 -7.32
CA HIS C 49 6.54 -17.44 -6.90
C HIS C 49 6.36 -16.88 -5.51
N PHE C 50 5.22 -16.24 -5.30
CA PHE C 50 4.89 -15.64 -4.00
C PHE C 50 3.55 -16.24 -3.58
N LYS C 51 3.45 -16.61 -2.31
CA LYS C 51 2.17 -17.09 -1.78
C LYS C 51 1.34 -15.91 -1.27
N VAL C 52 0.09 -15.79 -1.70
CA VAL C 52 -0.77 -14.72 -1.20
C VAL C 52 -1.43 -15.26 0.07
N MET C 53 -1.11 -14.62 1.18
CA MET C 53 -1.66 -15.01 2.46
C MET C 53 -2.83 -14.15 2.85
N ARG C 54 -3.60 -14.66 3.81
CA ARG C 54 -4.80 -13.99 4.33
C ARG C 54 -4.69 -13.81 5.81
N ASP C 55 -5.21 -12.69 6.31
CA ASP C 55 -5.28 -12.52 7.76
C ASP C 55 -6.68 -12.83 8.26
N ASN C 56 -6.87 -12.63 9.55
CA ASN C 56 -8.13 -12.99 10.21
C ASN C 56 -9.29 -12.06 9.88
N LYS C 57 -9.02 -11.05 9.06
CA LYS C 57 -10.04 -10.13 8.59
C LYS C 57 -10.30 -10.32 7.10
N GLY C 58 -9.61 -11.27 6.45
CA GLY C 58 -9.75 -11.47 5.03
C GLY C 58 -8.87 -10.56 4.18
N ASN C 59 -7.99 -9.77 4.78
CA ASN C 59 -7.06 -9.03 3.93
C ASN C 59 -6.10 -9.99 3.24
N TYR C 60 -5.51 -9.52 2.15
CA TYR C 60 -4.50 -10.23 1.36
C TYR C 60 -3.14 -9.60 1.61
N PHE C 61 -2.10 -10.42 1.72
CA PHE C 61 -0.76 -9.86 1.89
C PHE C 61 0.29 -10.84 1.42
N LEU C 62 1.47 -10.28 1.10
CA LEU C 62 2.66 -11.06 0.81
C LEU C 62 3.69 -10.99 1.92
N TRP C 63 3.82 -9.81 2.54
CA TRP C 63 4.90 -9.56 3.46
C TRP C 63 4.24 -9.08 4.76
N THR C 64 4.14 -7.77 4.98
CA THR C 64 3.44 -7.21 6.13
C THR C 64 2.30 -6.27 5.71
N GLU C 65 2.34 -5.78 4.48
CA GLU C 65 1.41 -4.77 3.99
C GLU C 65 0.11 -5.43 3.57
N LYS C 66 -1.01 -4.93 4.09
CA LYS C 66 -2.30 -5.59 3.90
C LYS C 66 -3.21 -4.88 2.91
N PHE C 67 -4.00 -5.65 2.15
CA PHE C 67 -4.88 -5.12 1.13
C PHE C 67 -6.25 -5.77 1.21
N PRO C 68 -7.32 -4.99 1.01
CA PRO C 68 -8.65 -5.58 1.04
C PRO C 68 -9.02 -6.33 -0.22
N SER C 69 -8.19 -6.30 -1.26
CA SER C 69 -8.48 -7.03 -2.49
C SER C 69 -7.18 -7.39 -3.18
N LEU C 70 -7.25 -8.41 -4.03
CA LEU C 70 -6.11 -8.78 -4.86
C LEU C 70 -5.74 -7.66 -5.82
N ASN C 71 -6.75 -7.02 -6.40
CA ASN C 71 -6.47 -5.90 -7.28
C ASN C 71 -5.65 -4.79 -6.59
N LYS C 72 -5.98 -4.48 -5.34
CA LYS C 72 -5.24 -3.45 -4.65
C LYS C 72 -3.82 -3.92 -4.31
N LEU C 73 -3.67 -5.20 -4.00
CA LEU C 73 -2.34 -5.74 -3.77
C LEU C 73 -1.47 -5.62 -5.05
N VAL C 74 -2.05 -6.00 -6.20
CA VAL C 74 -1.31 -5.92 -7.45
C VAL C 74 -0.91 -4.46 -7.72
N ASP C 75 -1.85 -3.54 -7.56
CA ASP C 75 -1.60 -2.12 -7.83
CA ASP C 75 -1.53 -2.17 -7.92
C ASP C 75 -0.42 -1.62 -7.00
N TYR C 76 -0.41 -2.00 -5.73
CA TYR C 76 0.65 -1.57 -4.81
C TYR C 76 2.03 -1.99 -5.31
N TYR C 77 2.10 -3.24 -5.77
CA TYR C 77 3.37 -3.80 -6.20
C TYR C 77 3.78 -3.41 -7.62
N ARG C 78 3.02 -2.53 -8.26
CA ARG C 78 3.50 -1.83 -9.46
C ARG C 78 4.49 -0.73 -9.11
N THR C 79 4.39 -0.20 -7.89
CA THR C 79 5.17 0.98 -7.46
C THR C 79 6.19 0.60 -6.41
N ASN C 80 5.93 -0.46 -5.65
CA ASN C 80 6.80 -0.90 -4.57
C ASN C 80 7.32 -2.27 -4.94
N SER C 81 8.57 -2.57 -4.59
CA SER C 81 9.10 -3.87 -4.99
C SER C 81 8.34 -5.02 -4.34
N ILE C 82 8.06 -6.04 -5.14
CA ILE C 82 7.43 -7.26 -4.63
C ILE C 82 8.46 -8.13 -3.92
N SER C 83 9.74 -7.90 -4.20
CA SER C 83 10.81 -8.69 -3.63
C SER C 83 11.58 -7.93 -2.56
N ARG C 84 12.06 -8.63 -1.53
CA ARG C 84 12.94 -8.09 -0.51
C ARG C 84 14.41 -8.30 -0.86
N GLN C 85 14.65 -9.05 -1.94
CA GLN C 85 16.04 -9.32 -2.34
C GLN C 85 16.57 -8.33 -3.35
N LYS C 86 15.71 -7.93 -4.27
CA LYS C 86 16.04 -7.00 -5.33
C LYS C 86 14.82 -6.16 -5.64
N GLN C 87 15.00 -5.10 -6.41
CA GLN C 87 13.88 -4.29 -6.80
CA GLN C 87 13.87 -4.27 -6.82
C GLN C 87 13.18 -4.87 -8.04
N ILE C 88 11.97 -5.35 -7.86
CA ILE C 88 11.20 -5.97 -8.95
C ILE C 88 9.78 -5.45 -8.80
N PHE C 89 9.25 -4.85 -9.87
CA PHE C 89 7.90 -4.26 -9.89
C PHE C 89 7.02 -5.07 -10.84
N LEU C 90 5.77 -5.24 -10.45
CA LEU C 90 4.80 -5.88 -11.34
C LEU C 90 4.51 -5.01 -12.55
N ARG C 91 4.52 -5.66 -13.72
CA ARG C 91 4.25 -4.98 -14.98
C ARG C 91 3.27 -5.77 -15.81
N ASP C 92 2.42 -5.10 -16.59
CA ASP C 92 1.58 -5.76 -17.56
C ASP C 92 1.43 -4.96 -18.86
N ARG C 93 2.32 -4.00 -19.08
CA ARG C 93 2.34 -3.20 -20.31
C ARG C 93 3.74 -3.27 -20.83
N THR C 94 3.91 -3.38 -22.13
CA THR C 94 5.28 -3.26 -22.65
C THR C 94 5.64 -1.78 -22.58
N ARG C 95 6.93 -1.49 -22.70
CA ARG C 95 7.38 -0.12 -22.73
C ARG C 95 6.79 0.54 -23.99
N GLU C 96 6.58 -0.26 -25.05
CA GLU C 96 5.91 0.21 -26.29
C GLU C 96 4.42 0.49 -26.09
N ASP C 97 3.75 -0.39 -25.35
CA ASP C 97 2.35 -0.23 -24.99
C ASP C 97 2.14 1.17 -24.40
N SER D 1 5.54 -25.89 -3.17
CA SER D 1 6.97 -25.91 -3.43
C SER D 1 7.66 -24.72 -2.74
N ASP D 2 8.65 -24.12 -3.38
CA ASP D 2 9.31 -22.94 -2.83
C ASP D 2 8.60 -21.65 -3.19
N MET D 4 9.08 -17.29 -2.53
CA MET D 4 10.07 -16.31 -2.15
C MET D 4 9.74 -15.65 -0.82
N ASN D 5 8.45 -15.58 -0.48
CA ASN D 5 8.03 -14.82 0.70
C ASN D 5 7.68 -15.69 1.90
N MET D 6 7.80 -17.01 1.78
CA MET D 6 7.45 -17.79 2.95
C MET D 6 7.90 -19.19 2.82
N THR D 7 7.92 -19.85 3.98
CA THR D 7 8.23 -21.26 4.04
C THR D 7 7.38 -21.89 5.12
N PRO D 8 6.97 -23.16 4.93
CA PRO D 8 6.28 -23.92 5.99
C PRO D 8 7.28 -24.56 6.95
#